data_7KD7
#
_entry.id   7KD7
#
_cell.length_a   46.433
_cell.length_b   74.349
_cell.length_c   126.821
_cell.angle_alpha   90.000
_cell.angle_beta   90.000
_cell.angle_gamma   90.000
#
_symmetry.space_group_name_H-M   'P 21 21 21'
#
loop_
_entity.id
_entity.type
_entity.pdbx_description
1 polymer 'N-alpha-acetyltransferase 40'
2 polymer SER-GLY-ARG-GLY-LYS
3 non-polymer GLYCEROL
4 non-polymer 'SULFATE ION'
5 non-polymer 2-[BIS-(2-HYDROXY-ETHYL)-AMINO]-2-HYDROXYMETHYL-PROPANE-1,3-DIOL
6 non-polymer 'CARBOXYMETHYL COENZYME *A'
7 non-polymer 'AMINO GROUP'
8 water water
#
loop_
_entity_poly.entity_id
_entity_poly.type
_entity_poly.pdbx_seq_one_letter_code
_entity_poly.pdbx_strand_id
1 'polypeptide(L)'
;EERAAMDAVCAKVDAANRLGDPLEAFPVFKKYDRNGLNVSIECKRVSGLEPATVDWAFDLTKTNMQTMYEQSEWGWKDRE
KREEMTDDRAWYLIAWENSSVPVAFSHFRFDVECGDEVLYCYEVQLESKVRRKGLGKFLIQILQLMANSTQMKKVMLTVF
KHNHGAYQFFREALQFEIDDSSPSMSGCCGEDCSYEILSRRTKF
;
D,A
2 'polypeptide(L)' SGRGK E,B
#
loop_
_chem_comp.id
_chem_comp.type
_chem_comp.name
_chem_comp.formula
BTB non-polymer 2-[BIS-(2-HYDROXY-ETHYL)-AMINO]-2-HYDROXYMETHYL-PROPANE-1,3-DIOL 'C8 H19 N O5'
CMC non-polymer 'CARBOXYMETHYL COENZYME *A' 'C23 H38 N7 O18 P3 S'
GOL non-polymer GLYCEROL 'C3 H8 O3'
NH2 non-polymer 'AMINO GROUP' 'H2 N'
SO4 non-polymer 'SULFATE ION' 'O4 S -2'
#
# COMPACT_ATOMS: atom_id res chain seq x y z
N GLU A 1 9.18 2.81 -30.48
CA GLU A 1 8.51 2.07 -29.41
C GLU A 1 7.88 3.01 -28.39
N GLU A 2 6.88 3.77 -28.81
CA GLU A 2 6.18 4.71 -27.95
C GLU A 2 4.75 4.31 -27.62
N ARG A 3 4.07 3.58 -28.52
CA ARG A 3 2.74 3.08 -28.21
C ARG A 3 2.80 1.90 -27.24
N ALA A 4 3.87 1.11 -27.31
CA ALA A 4 4.00 -0.03 -26.40
C ALA A 4 4.04 0.44 -24.95
N ALA A 5 4.69 1.59 -24.69
CA ALA A 5 4.81 2.10 -23.33
C ALA A 5 3.45 2.55 -22.80
N MET A 6 2.72 3.36 -23.58
CA MET A 6 1.44 3.84 -23.10
C MET A 6 0.40 2.72 -23.08
N ASP A 7 0.64 1.64 -23.83
CA ASP A 7 -0.32 0.53 -23.81
C ASP A 7 -0.20 -0.28 -22.52
N ALA A 8 1.01 -0.49 -22.02
CA ALA A 8 1.14 -1.14 -20.71
C ALA A 8 0.49 -0.29 -19.63
N VAL A 9 0.65 1.03 -19.72
CA VAL A 9 0.09 1.92 -18.72
C VAL A 9 -1.43 1.96 -18.84
N CYS A 10 -1.96 2.18 -20.07
CA CYS A 10 -3.40 2.20 -20.22
C CYS A 10 -4.05 0.86 -19.89
N ALA A 11 -3.35 -0.24 -20.07
CA ALA A 11 -3.97 -1.52 -19.73
C ALA A 11 -4.27 -1.57 -18.24
N LYS A 12 -3.33 -1.12 -17.42
CA LYS A 12 -3.51 -1.14 -15.97
C LYS A 12 -4.65 -0.22 -15.55
N VAL A 13 -4.78 0.96 -16.17
CA VAL A 13 -5.86 1.88 -15.88
C VAL A 13 -7.19 1.24 -16.29
N ASP A 14 -7.25 0.68 -17.50
CA ASP A 14 -8.50 0.07 -17.98
C ASP A 14 -8.95 -1.07 -17.06
N ALA A 15 -8.00 -1.86 -16.56
CA ALA A 15 -8.33 -2.94 -15.65
C ALA A 15 -8.90 -2.40 -14.35
N ALA A 16 -8.27 -1.37 -13.77
CA ALA A 16 -8.78 -0.82 -12.52
C ALA A 16 -10.19 -0.27 -12.69
N ASN A 17 -10.47 0.31 -13.86
CA ASN A 17 -11.78 0.89 -14.11
C ASN A 17 -12.88 -0.16 -14.37
N ARG A 18 -12.51 -1.45 -14.48
CA ARG A 18 -13.45 -2.56 -14.61
C ARG A 18 -13.69 -3.26 -13.29
N LEU A 19 -13.04 -2.83 -12.21
CA LEU A 19 -13.25 -3.47 -10.93
C LEU A 19 -14.68 -3.27 -10.46
N GLY A 20 -15.14 -4.20 -9.64
CA GLY A 20 -16.42 -4.09 -8.98
C GLY A 20 -16.34 -3.26 -7.71
N ASP A 21 -15.75 -3.80 -6.65
CA ASP A 21 -15.57 -3.11 -5.36
C ASP A 21 -14.06 -3.09 -5.09
N PRO A 22 -13.37 -1.98 -5.37
CA PRO A 22 -11.91 -1.92 -5.11
C PRO A 22 -11.55 -2.17 -3.67
N LEU A 23 -12.50 -2.04 -2.73
CA LEU A 23 -12.23 -2.31 -1.32
C LEU A 23 -12.68 -3.67 -0.83
N GLU A 24 -13.09 -4.56 -1.73
CA GLU A 24 -13.64 -5.83 -1.27
C GLU A 24 -12.64 -6.57 -0.40
N ALA A 25 -11.35 -6.52 -0.77
CA ALA A 25 -10.33 -7.27 -0.03
C ALA A 25 -9.93 -6.60 1.26
N PHE A 26 -10.44 -5.41 1.56
CA PHE A 26 -9.94 -4.55 2.63
C PHE A 26 -11.06 -4.08 3.55
N PRO A 27 -11.80 -5.02 4.14
CA PRO A 27 -12.92 -4.63 5.00
C PRO A 27 -12.53 -3.78 6.19
N VAL A 28 -11.29 -3.85 6.67
CA VAL A 28 -10.90 -3.01 7.79
C VAL A 28 -10.99 -1.53 7.45
N PHE A 29 -10.92 -1.18 6.17
CA PHE A 29 -10.99 0.23 5.79
C PHE A 29 -12.42 0.68 5.57
N LYS A 30 -13.40 -0.16 5.82
CA LYS A 30 -14.78 0.23 5.62
C LYS A 30 -15.43 0.75 6.89
N LYS A 31 -14.69 0.91 7.96
CA LYS A 31 -15.20 1.51 9.19
C LYS A 31 -14.16 2.46 9.75
N TYR A 32 -14.60 3.58 10.30
CA TYR A 32 -13.76 4.55 10.99
C TYR A 32 -14.51 4.99 12.24
N ASP A 33 -14.04 4.55 13.40
CA ASP A 33 -14.75 4.70 14.67
C ASP A 33 -13.85 5.34 15.71
N ARG A 34 -13.20 6.42 15.36
CA ARG A 34 -12.32 7.14 16.26
C ARG A 34 -12.88 8.53 16.52
N ASN A 35 -12.51 9.11 17.68
CA ASN A 35 -12.79 10.51 17.99
C ASN A 35 -14.26 10.88 17.88
N GLY A 36 -15.13 9.96 18.31
CA GLY A 36 -16.56 10.21 18.34
C GLY A 36 -17.30 9.86 17.09
N LEU A 37 -16.60 9.51 16.02
CA LEU A 37 -17.27 9.11 14.79
C LEU A 37 -17.58 7.63 14.77
N ASN A 38 -18.55 7.29 13.93
CA ASN A 38 -18.94 5.93 13.72
C ASN A 38 -19.31 5.72 12.26
N VAL A 39 -18.34 5.83 11.42
CA VAL A 39 -18.56 5.94 9.98
C VAL A 39 -18.39 4.61 9.29
N SER A 40 -19.21 4.34 8.29
CA SER A 40 -19.03 3.24 7.36
C SER A 40 -18.62 3.85 6.04
N ILE A 41 -17.67 3.23 5.36
CA ILE A 41 -17.12 3.76 4.10
C ILE A 41 -17.41 2.77 2.97
N GLU A 42 -17.87 3.30 1.85
CA GLU A 42 -18.15 2.49 0.67
C GLU A 42 -17.40 3.08 -0.51
N CYS A 43 -17.05 2.25 -1.47
CA CYS A 43 -16.41 2.64 -2.71
C CYS A 43 -17.29 2.21 -3.86
N LYS A 44 -17.83 3.18 -4.60
CA LYS A 44 -18.74 2.89 -5.72
C LYS A 44 -18.39 3.76 -6.91
N ARG A 45 -18.65 3.24 -8.11
CA ARG A 45 -18.67 4.08 -9.30
C ARG A 45 -19.87 5.01 -9.20
N VAL A 46 -19.78 6.18 -9.85
CA VAL A 46 -20.86 7.14 -9.74
C VAL A 46 -22.18 6.56 -10.21
N SER A 47 -22.16 5.65 -11.18
CA SER A 47 -23.38 4.98 -11.63
C SER A 47 -24.06 4.21 -10.51
N GLY A 48 -23.35 3.80 -9.47
CA GLY A 48 -23.93 3.11 -8.34
C GLY A 48 -24.45 3.98 -7.24
N LEU A 49 -24.35 5.29 -7.36
CA LEU A 49 -24.81 6.19 -6.30
C LEU A 49 -26.25 6.63 -6.56
N GLU A 50 -27.03 6.85 -5.50
CA GLU A 50 -28.34 7.47 -5.68
C GLU A 50 -28.19 8.93 -6.10
N PRO A 51 -29.09 9.43 -6.93
CA PRO A 51 -29.02 10.85 -7.32
C PRO A 51 -28.95 11.83 -6.13
N ALA A 52 -29.64 11.54 -5.02
CA ALA A 52 -29.58 12.45 -3.89
C ALA A 52 -28.20 12.44 -3.25
N THR A 53 -27.46 11.34 -3.38
CA THR A 53 -26.09 11.30 -2.87
C THR A 53 -25.20 12.18 -3.73
N VAL A 54 -25.34 12.11 -5.05
CA VAL A 54 -24.58 13.00 -5.95
C VAL A 54 -24.90 14.46 -5.69
N ASP A 55 -26.18 14.77 -5.45
CA ASP A 55 -26.55 16.14 -5.12
C ASP A 55 -25.88 16.60 -3.83
N TRP A 56 -25.91 15.76 -2.77
CA TRP A 56 -25.25 16.10 -1.52
C TRP A 56 -23.76 16.39 -1.77
N ALA A 57 -23.09 15.53 -2.56
CA ALA A 57 -21.65 15.68 -2.77
C ALA A 57 -21.34 16.95 -3.55
N PHE A 58 -22.14 17.26 -4.58
CA PHE A 58 -21.93 18.49 -5.32
C PHE A 58 -22.16 19.69 -4.43
N ASP A 59 -23.24 19.66 -3.64
CA ASP A 59 -23.56 20.79 -2.80
C ASP A 59 -22.49 21.03 -1.74
N LEU A 60 -21.95 19.95 -1.16
CA LEU A 60 -20.87 20.06 -0.19
C LEU A 60 -19.61 20.66 -0.82
N THR A 61 -19.27 20.22 -2.03
CA THR A 61 -18.14 20.78 -2.75
C THR A 61 -18.36 22.26 -3.01
N LYS A 62 -19.53 22.64 -3.49
CA LYS A 62 -19.80 24.05 -3.74
C LYS A 62 -19.72 24.87 -2.46
N THR A 63 -20.33 24.42 -1.37
CA THR A 63 -20.26 25.12 -0.11
C THR A 63 -18.83 25.31 0.32
N ASN A 64 -18.03 24.25 0.26
CA ASN A 64 -16.65 24.32 0.75
C ASN A 64 -15.74 25.10 -0.19
N MET A 65 -15.96 25.03 -1.51
CA MET A 65 -14.94 25.41 -2.47
C MET A 65 -15.25 26.60 -3.37
N GLN A 66 -16.51 27.00 -3.54
CA GLN A 66 -16.87 28.00 -4.56
C GLN A 66 -16.00 29.27 -4.45
N THR A 67 -15.89 29.83 -3.24
CA THR A 67 -15.12 31.06 -3.09
C THR A 67 -13.65 30.84 -3.43
N MET A 68 -13.07 29.73 -2.98
CA MET A 68 -11.68 29.45 -3.31
C MET A 68 -11.47 29.27 -4.80
N TYR A 69 -12.42 28.68 -5.51
CA TYR A 69 -12.32 28.60 -6.98
C TYR A 69 -12.34 29.99 -7.60
N GLU A 70 -13.20 30.88 -7.10
CA GLU A 70 -13.26 32.23 -7.64
C GLU A 70 -12.02 33.04 -7.30
N GLN A 71 -11.36 32.76 -6.16
CA GLN A 71 -10.10 33.39 -5.82
C GLN A 71 -8.95 32.88 -6.68
N SER A 72 -9.11 31.77 -7.39
CA SER A 72 -8.09 31.15 -8.23
C SER A 72 -8.28 31.62 -9.68
N GLU A 73 -7.37 31.20 -10.55
CA GLU A 73 -7.54 31.47 -11.98
C GLU A 73 -8.70 30.72 -12.60
N TRP A 74 -9.25 29.70 -11.92
CA TRP A 74 -10.21 28.84 -12.58
C TRP A 74 -11.61 29.43 -12.70
N GLY A 75 -12.08 30.10 -11.65
CA GLY A 75 -13.50 30.38 -11.53
C GLY A 75 -14.29 29.16 -11.09
N TRP A 76 -15.55 29.37 -10.70
CA TRP A 76 -16.52 28.31 -10.41
C TRP A 76 -17.66 28.34 -11.43
N LYS A 77 -17.92 27.20 -12.09
CA LYS A 77 -19.15 27.07 -12.88
C LYS A 77 -19.83 25.77 -12.50
N ASP A 78 -21.11 25.88 -12.08
CA ASP A 78 -21.87 24.72 -11.65
C ASP A 78 -21.80 23.61 -12.69
N ARG A 79 -22.07 23.94 -13.97
CA ARG A 79 -22.22 22.87 -14.94
C ARG A 79 -20.92 22.12 -15.12
N GLU A 80 -19.79 22.84 -15.18
CA GLU A 80 -18.50 22.20 -15.39
C GLU A 80 -18.20 21.25 -14.26
N LYS A 81 -18.43 21.69 -13.03
CA LYS A 81 -18.14 20.84 -11.88
C LYS A 81 -19.10 19.65 -11.83
N ARG A 82 -20.39 19.87 -12.08
CA ARG A 82 -21.30 18.76 -12.07
C ARG A 82 -20.95 17.73 -13.13
N GLU A 83 -20.54 18.18 -14.33
CA GLU A 83 -20.16 17.24 -15.37
C GLU A 83 -18.93 16.45 -14.96
N GLU A 84 -17.98 17.10 -14.30
CA GLU A 84 -16.79 16.38 -13.83
C GLU A 84 -17.15 15.35 -12.79
N MET A 85 -18.05 15.70 -11.87
CA MET A 85 -18.41 14.82 -10.77
C MET A 85 -19.30 13.65 -11.23
N THR A 86 -19.98 13.75 -12.39
CA THR A 86 -20.88 12.72 -12.88
C THR A 86 -20.36 12.01 -14.14
N ASP A 87 -19.12 12.27 -14.51
CA ASP A 87 -18.48 11.53 -15.60
C ASP A 87 -18.51 10.05 -15.28
N ASP A 88 -18.73 9.22 -16.30
CA ASP A 88 -18.81 7.78 -16.09
C ASP A 88 -17.56 7.23 -15.44
N ARG A 89 -16.41 7.89 -15.62
CA ARG A 89 -15.17 7.40 -15.03
C ARG A 89 -15.01 7.78 -13.58
N ALA A 90 -15.95 8.51 -12.99
CA ALA A 90 -15.78 8.94 -11.59
C ALA A 90 -16.04 7.78 -10.64
N TRP A 91 -15.13 7.60 -9.69
CA TRP A 91 -15.27 6.74 -8.53
C TRP A 91 -15.43 7.58 -7.27
N TYR A 92 -16.14 7.03 -6.27
CA TYR A 92 -16.44 7.71 -5.04
C TYR A 92 -16.11 6.85 -3.86
N LEU A 93 -15.48 7.44 -2.87
CA LEU A 93 -15.48 6.93 -1.50
C LEU A 93 -16.46 7.79 -0.75
N ILE A 94 -17.44 7.18 -0.10
CA ILE A 94 -18.43 7.93 0.67
C ILE A 94 -18.38 7.42 2.11
N ALA A 95 -18.29 8.35 3.05
CA ALA A 95 -18.33 8.05 4.48
C ALA A 95 -19.70 8.40 5.03
N TRP A 96 -20.37 7.39 5.61
CA TRP A 96 -21.69 7.54 6.18
C TRP A 96 -21.64 7.40 7.72
N GLU A 97 -21.94 8.47 8.41
CA GLU A 97 -21.98 8.44 9.88
C GLU A 97 -23.17 7.61 10.31
N ASN A 98 -22.91 6.70 11.24
CA ASN A 98 -23.88 5.67 11.66
C ASN A 98 -24.48 4.91 10.48
N SER A 99 -23.75 4.82 9.35
CA SER A 99 -24.21 4.14 8.15
C SER A 99 -25.46 4.79 7.56
N SER A 100 -25.69 6.07 7.90
CA SER A 100 -26.95 6.70 7.56
C SER A 100 -26.84 8.14 7.05
N VAL A 101 -25.88 8.93 7.50
CA VAL A 101 -25.79 10.34 7.12
C VAL A 101 -24.48 10.53 6.36
N PRO A 102 -24.49 11.00 5.12
CA PRO A 102 -23.21 11.18 4.41
C PRO A 102 -22.49 12.41 4.98
N VAL A 103 -21.21 12.23 5.35
CA VAL A 103 -20.48 13.33 5.99
C VAL A 103 -19.16 13.66 5.29
N ALA A 104 -18.72 12.81 4.39
CA ALA A 104 -17.44 13.03 3.71
C ALA A 104 -17.41 12.22 2.44
N PHE A 105 -16.65 12.67 1.43
CA PHE A 105 -16.42 11.86 0.25
C PHE A 105 -15.12 12.23 -0.45
N SER A 106 -14.65 11.32 -1.28
CA SER A 106 -13.63 11.60 -2.27
C SER A 106 -14.18 11.16 -3.62
N HIS A 107 -13.96 12.02 -4.63
CA HIS A 107 -14.10 11.67 -6.05
C HIS A 107 -12.72 11.38 -6.59
N PHE A 108 -12.49 10.18 -7.05
CA PHE A 108 -11.19 9.83 -7.58
C PHE A 108 -11.35 9.08 -8.91
N ARG A 109 -10.24 8.99 -9.63
CA ARG A 109 -10.19 8.28 -10.91
C ARG A 109 -8.88 7.51 -11.02
N PHE A 110 -8.91 6.42 -11.81
CA PHE A 110 -7.72 5.75 -12.30
C PHE A 110 -7.48 6.31 -13.69
N ASP A 111 -6.32 6.93 -13.92
CA ASP A 111 -6.09 7.62 -15.18
C ASP A 111 -4.59 7.65 -15.47
N VAL A 112 -4.26 8.11 -16.68
CA VAL A 112 -2.89 8.44 -17.03
C VAL A 112 -2.66 9.93 -16.88
N GLU A 113 -1.56 10.29 -16.22
CA GLU A 113 -1.12 11.68 -16.11
C GLU A 113 0.38 11.71 -16.38
N CYS A 114 0.73 12.48 -17.41
CA CYS A 114 2.12 12.63 -17.83
C CYS A 114 2.80 11.30 -18.07
N GLY A 115 2.07 10.42 -18.72
CA GLY A 115 2.57 9.14 -19.11
C GLY A 115 2.60 8.08 -18.02
N ASP A 116 2.08 8.37 -16.83
CA ASP A 116 2.10 7.43 -15.74
C ASP A 116 0.66 7.07 -15.35
N GLU A 117 0.50 5.81 -14.93
CA GLU A 117 -0.73 5.35 -14.30
C GLU A 117 -0.81 5.90 -12.89
N VAL A 118 -1.91 6.62 -12.62
CA VAL A 118 -2.11 7.30 -11.35
C VAL A 118 -3.52 7.07 -10.84
N LEU A 119 -3.66 7.24 -9.54
CA LEU A 119 -4.97 7.46 -8.93
C LEU A 119 -5.03 8.95 -8.68
N TYR A 120 -5.94 9.63 -9.34
CA TYR A 120 -6.11 11.07 -9.23
C TYR A 120 -7.26 11.34 -8.26
N CYS A 121 -6.98 12.08 -7.19
CA CYS A 121 -8.00 12.51 -6.24
C CYS A 121 -8.51 13.86 -6.72
N TYR A 122 -9.71 13.89 -7.30
CA TYR A 122 -10.34 15.10 -7.77
C TYR A 122 -11.04 15.90 -6.66
N GLU A 123 -11.43 15.24 -5.56
CA GLU A 123 -12.03 15.93 -4.43
C GLU A 123 -11.78 15.12 -3.18
N VAL A 124 -11.50 15.79 -2.08
CA VAL A 124 -11.74 15.23 -0.74
C VAL A 124 -12.46 16.33 0.03
N GLN A 125 -13.67 16.04 0.51
CA GLN A 125 -14.58 17.03 1.09
C GLN A 125 -15.22 16.46 2.33
N LEU A 126 -15.11 17.17 3.45
CA LEU A 126 -15.78 16.81 4.69
C LEU A 126 -16.75 17.92 5.09
N GLU A 127 -17.88 17.52 5.67
CA GLU A 127 -18.69 18.48 6.43
C GLU A 127 -17.86 19.06 7.58
N SER A 128 -18.13 20.33 7.91
CA SER A 128 -17.34 20.99 8.95
C SER A 128 -17.32 20.22 10.27
N LYS A 129 -18.47 19.68 10.68
CA LYS A 129 -18.60 19.05 11.99
C LYS A 129 -17.79 17.78 12.14
N VAL A 130 -17.23 17.20 11.07
CA VAL A 130 -16.50 15.96 11.18
C VAL A 130 -15.01 16.15 10.93
N ARG A 131 -14.56 17.41 10.82
CA ARG A 131 -13.18 17.74 10.53
C ARG A 131 -12.31 17.64 11.79
N ARG A 132 -11.02 17.50 11.59
CA ARG A 132 -10.03 17.41 12.66
C ARG A 132 -10.29 16.26 13.61
N LYS A 133 -10.71 15.15 13.06
CA LYS A 133 -10.96 13.91 13.73
C LYS A 133 -10.25 12.74 13.07
N GLY A 134 -9.38 13.01 12.10
CA GLY A 134 -8.62 11.98 11.42
C GLY A 134 -9.31 11.33 10.23
N LEU A 135 -10.56 11.69 9.96
CA LEU A 135 -11.28 11.04 8.85
C LEU A 135 -10.69 11.38 7.48
N GLY A 136 -10.32 12.63 7.26
CA GLY A 136 -9.70 12.97 5.99
C GLY A 136 -8.42 12.21 5.77
N LYS A 137 -7.56 12.16 6.77
CA LYS A 137 -6.34 11.36 6.63
C LYS A 137 -6.68 9.91 6.28
N PHE A 138 -7.70 9.34 6.94
CA PHE A 138 -8.05 7.95 6.67
C PHE A 138 -8.51 7.74 5.22
N LEU A 139 -9.31 8.66 4.70
CA LEU A 139 -9.78 8.55 3.33
C LEU A 139 -8.59 8.59 2.36
N ILE A 140 -7.60 9.45 2.61
CA ILE A 140 -6.43 9.50 1.74
C ILE A 140 -5.61 8.22 1.86
N GLN A 141 -5.52 7.65 3.07
CA GLN A 141 -4.87 6.36 3.24
C GLN A 141 -5.59 5.25 2.47
N ILE A 142 -6.90 5.31 2.34
CA ILE A 142 -7.62 4.36 1.50
C ILE A 142 -7.22 4.57 0.05
N LEU A 143 -7.17 5.81 -0.40
CA LEU A 143 -6.74 6.06 -1.78
C LEU A 143 -5.34 5.49 -2.01
N GLN A 144 -4.41 5.69 -1.08
CA GLN A 144 -3.06 5.15 -1.20
C GLN A 144 -3.10 3.63 -1.34
N LEU A 145 -3.94 2.99 -0.54
CA LEU A 145 -4.07 1.54 -0.60
C LEU A 145 -4.62 1.08 -1.94
N MET A 146 -5.65 1.75 -2.44
CA MET A 146 -6.19 1.40 -3.75
C MET A 146 -5.19 1.64 -4.87
N ALA A 147 -4.39 2.69 -4.77
CA ALA A 147 -3.36 2.90 -5.77
C ALA A 147 -2.39 1.73 -5.76
N ASN A 148 -2.02 1.26 -4.56
CA ASN A 148 -1.12 0.10 -4.49
C ASN A 148 -1.76 -1.16 -5.08
N SER A 149 -3.02 -1.44 -4.71
CA SER A 149 -3.66 -2.68 -5.09
C SER A 149 -3.99 -2.77 -6.57
N THR A 150 -4.00 -1.65 -7.27
CA THR A 150 -4.25 -1.60 -8.72
C THR A 150 -2.98 -1.29 -9.49
N GLN A 151 -1.84 -1.17 -8.83
CA GLN A 151 -0.54 -0.98 -9.47
C GLN A 151 -0.43 0.40 -10.12
N MET A 152 -1.08 1.39 -9.53
CA MET A 152 -0.79 2.76 -9.93
C MET A 152 0.57 3.18 -9.38
N LYS A 153 1.15 4.23 -9.96
CA LYS A 153 2.46 4.71 -9.53
C LYS A 153 2.42 5.79 -8.45
N LYS A 154 1.31 6.53 -8.35
CA LYS A 154 1.19 7.58 -7.37
C LYS A 154 -0.28 7.92 -7.17
N VAL A 155 -0.54 8.59 -6.05
CA VAL A 155 -1.77 9.36 -5.84
C VAL A 155 -1.44 10.83 -6.13
N MET A 156 -2.32 11.52 -6.88
CA MET A 156 -2.11 12.91 -7.28
C MET A 156 -3.34 13.74 -6.91
N LEU A 157 -3.16 15.04 -6.70
CA LEU A 157 -4.26 15.95 -6.44
C LEU A 157 -3.78 17.38 -6.69
N THR A 158 -4.73 18.29 -6.76
CA THR A 158 -4.49 19.73 -6.86
C THR A 158 -4.97 20.42 -5.58
N VAL A 159 -4.18 21.37 -5.06
CA VAL A 159 -4.56 22.13 -3.89
C VAL A 159 -4.27 23.60 -4.12
N PHE A 160 -5.22 24.45 -3.72
CA PHE A 160 -4.98 25.89 -3.80
C PHE A 160 -3.97 26.33 -2.75
N LYS A 161 -3.06 27.23 -3.17
CA LYS A 161 -2.13 27.85 -2.23
C LYS A 161 -2.90 28.64 -1.16
N HIS A 162 -4.06 29.20 -1.51
CA HIS A 162 -4.89 29.92 -0.55
C HIS A 162 -5.82 29.01 0.26
N ASN A 163 -5.72 27.69 0.09
CA ASN A 163 -6.43 26.73 0.94
C ASN A 163 -5.45 26.22 1.98
N HIS A 164 -5.19 27.06 2.98
CA HIS A 164 -4.02 26.84 3.81
C HIS A 164 -4.16 25.58 4.67
N GLY A 165 -5.36 25.28 5.14
CA GLY A 165 -5.54 24.09 5.95
C GLY A 165 -5.35 22.83 5.15
N ALA A 166 -5.87 22.81 3.92
CA ALA A 166 -5.68 21.62 3.09
C ALA A 166 -4.24 21.47 2.66
N TYR A 167 -3.55 22.58 2.41
CA TYR A 167 -2.16 22.51 2.03
C TYR A 167 -1.33 21.93 3.15
N GLN A 168 -1.56 22.37 4.38
CA GLN A 168 -0.81 21.79 5.50
C GLN A 168 -1.14 20.32 5.72
N PHE A 169 -2.44 19.96 5.58
CA PHE A 169 -2.87 18.57 5.68
C PHE A 169 -2.08 17.69 4.71
N PHE A 170 -2.06 18.06 3.43
CA PHE A 170 -1.39 17.21 2.46
C PHE A 170 0.13 17.25 2.58
N ARG A 171 0.70 18.46 2.69
CA ARG A 171 2.16 18.58 2.62
C ARG A 171 2.84 18.17 3.90
N GLU A 172 2.27 18.53 5.06
CA GLU A 172 2.93 18.28 6.33
C GLU A 172 2.41 17.01 6.98
N ALA A 173 1.10 16.92 7.19
CA ALA A 173 0.58 15.74 7.87
C ALA A 173 0.71 14.47 7.02
N LEU A 174 0.49 14.56 5.71
CA LEU A 174 0.53 13.38 4.88
C LEU A 174 1.81 13.27 4.03
N GLN A 175 2.64 14.32 4.02
CA GLN A 175 3.97 14.33 3.39
C GLN A 175 3.90 14.06 1.90
N PHE A 176 2.88 14.61 1.26
CA PHE A 176 2.88 14.64 -0.17
C PHE A 176 3.98 15.58 -0.65
N GLU A 177 4.53 15.25 -1.80
CA GLU A 177 5.53 16.08 -2.46
C GLU A 177 4.88 17.00 -3.48
N ILE A 178 5.58 18.08 -3.84
CA ILE A 178 5.20 18.84 -5.02
C ILE A 178 5.54 18.01 -6.26
N ASP A 179 4.55 17.76 -7.10
CA ASP A 179 4.77 16.93 -8.28
C ASP A 179 5.55 17.72 -9.33
N ASP A 180 6.28 16.99 -10.18
CA ASP A 180 7.04 17.66 -11.24
C ASP A 180 6.15 18.41 -12.23
N SER A 181 4.87 18.05 -12.34
CA SER A 181 3.93 18.73 -13.21
C SER A 181 3.37 20.03 -12.62
N SER A 182 3.66 20.31 -11.36
CA SER A 182 3.13 21.50 -10.73
C SER A 182 3.70 22.75 -11.39
N PRO A 183 2.92 23.82 -11.52
CA PRO A 183 3.48 25.05 -12.14
C PRO A 183 4.74 25.56 -11.47
N SER A 184 4.88 25.38 -10.17
CA SER A 184 6.02 25.86 -9.43
C SER A 184 7.31 25.16 -9.83
N MET A 185 7.23 23.99 -10.47
CA MET A 185 8.40 23.22 -10.89
C MET A 185 8.84 23.55 -12.28
N SER A 186 8.29 24.57 -12.91
CA SER A 186 8.77 25.11 -14.17
C SER A 186 9.13 26.59 -13.95
N GLY A 187 10.21 27.04 -14.59
CA GLY A 187 10.69 28.39 -14.36
C GLY A 187 11.62 28.53 -13.17
N CYS A 188 12.71 29.29 -13.32
CA CYS A 188 13.66 29.51 -12.23
C CYS A 188 13.55 30.90 -11.60
N CYS A 189 12.48 31.64 -11.87
CA CYS A 189 12.29 32.95 -11.27
C CYS A 189 10.98 33.07 -10.49
N GLY A 190 10.43 31.94 -10.04
CA GLY A 190 9.32 31.95 -9.10
C GLY A 190 7.97 32.34 -9.67
N GLU A 191 7.45 31.57 -10.64
CA GLU A 191 6.22 31.89 -11.33
C GLU A 191 5.07 32.12 -10.36
N ASP A 192 3.95 32.67 -10.85
CA ASP A 192 2.84 33.02 -9.95
C ASP A 192 1.53 32.35 -10.39
N CYS A 193 1.24 31.20 -9.76
CA CYS A 193 0.04 30.41 -9.97
C CYS A 193 -0.61 30.17 -8.60
N SER A 194 -1.92 29.97 -8.59
CA SER A 194 -2.58 29.88 -7.30
C SER A 194 -2.81 28.45 -6.82
N TYR A 195 -2.29 27.46 -7.50
CA TYR A 195 -2.42 26.09 -7.04
C TYR A 195 -1.09 25.36 -7.18
N GLU A 196 -1.00 24.26 -6.46
CA GLU A 196 0.09 23.31 -6.61
C GLU A 196 -0.52 21.95 -6.93
N ILE A 197 0.21 21.16 -7.68
CA ILE A 197 -0.12 19.76 -7.93
C ILE A 197 0.78 18.94 -7.03
N LEU A 198 0.19 18.11 -6.16
CA LEU A 198 0.92 17.32 -5.21
C LEU A 198 0.76 15.83 -5.55
N SER A 199 1.73 15.03 -5.10
CA SER A 199 1.66 13.60 -5.34
C SER A 199 2.44 12.84 -4.29
N ARG A 200 2.08 11.56 -4.18
CA ARG A 200 2.76 10.63 -3.28
C ARG A 200 2.95 9.32 -4.01
N ARG A 201 4.19 8.92 -4.19
CA ARG A 201 4.47 7.70 -4.92
C ARG A 201 4.07 6.47 -4.12
N THR A 202 3.67 5.44 -4.83
CA THR A 202 3.37 4.09 -4.28
C THR A 202 4.68 3.29 -4.16
N SER B 1 -9.02 19.53 -4.68
CA SER B 1 -10.15 19.79 -5.53
C SER B 1 -9.75 20.18 -6.93
N GLY B 2 -10.29 19.46 -7.88
CA GLY B 2 -10.06 19.72 -9.28
C GLY B 2 -8.79 19.11 -9.79
N ARG B 3 -8.50 19.39 -11.06
CA ARG B 3 -7.34 18.81 -11.73
C ARG B 3 -6.63 19.90 -12.52
N GLY B 4 -5.60 20.44 -11.95
CA GLY B 4 -4.88 21.55 -12.58
C GLY B 4 -3.87 21.05 -13.61
N LYS B 5 -3.33 21.98 -14.39
CA LYS B 5 -2.26 21.63 -15.35
C LYS B 5 -0.90 21.92 -14.80
N GLU C 1 -8.66 -3.94 27.26
CA GLU C 1 -8.64 -4.92 28.34
C GLU C 1 -7.45 -5.86 28.15
N GLU C 2 -6.86 -6.32 29.26
CA GLU C 2 -5.59 -7.05 29.22
C GLU C 2 -5.70 -8.34 28.40
N ARG C 3 -6.39 -9.33 28.95
CA ARG C 3 -6.57 -10.60 28.24
C ARG C 3 -7.43 -10.42 26.99
N ALA C 4 -8.31 -9.41 27.00
CA ALA C 4 -9.15 -9.16 25.84
C ALA C 4 -8.33 -8.62 24.68
N ALA C 5 -7.43 -7.68 24.97
CA ALA C 5 -6.58 -7.11 23.93
C ALA C 5 -5.92 -8.23 23.13
N MET C 6 -5.33 -9.20 23.84
CA MET C 6 -4.65 -10.27 23.14
C MET C 6 -5.65 -11.18 22.41
N ASP C 7 -6.90 -11.23 22.89
CA ASP C 7 -7.88 -12.07 22.22
C ASP C 7 -8.21 -11.54 20.83
N ALA C 8 -8.38 -10.23 20.71
CA ALA C 8 -8.65 -9.65 19.40
C ALA C 8 -7.47 -9.88 18.46
N VAL C 9 -6.25 -9.74 18.99
CA VAL C 9 -5.02 -9.91 18.21
C VAL C 9 -4.91 -11.36 17.72
N CYS C 10 -5.00 -12.33 18.65
CA CYS C 10 -4.94 -13.72 18.23
C CYS C 10 -6.09 -14.13 17.32
N ALA C 11 -7.28 -13.58 17.51
CA ALA C 11 -8.40 -13.88 16.61
C ALA C 11 -8.06 -13.54 15.17
N LYS C 12 -7.38 -12.41 14.95
CA LYS C 12 -7.07 -12.00 13.59
C LYS C 12 -5.99 -12.86 12.98
N VAL C 13 -5.02 -13.30 13.78
CA VAL C 13 -4.00 -14.20 13.32
C VAL C 13 -4.59 -15.57 12.99
N ASP C 14 -5.49 -16.08 13.85
CA ASP C 14 -6.10 -17.39 13.59
C ASP C 14 -6.92 -17.37 12.31
N ALA C 15 -7.64 -16.27 12.07
CA ALA C 15 -8.43 -16.18 10.85
C ALA C 15 -7.56 -16.13 9.62
N ALA C 16 -6.43 -15.42 9.66
CA ALA C 16 -5.60 -15.35 8.48
C ALA C 16 -5.01 -16.71 8.19
N ASN C 17 -4.67 -17.45 9.22
CA ASN C 17 -4.10 -18.78 9.00
C ASN C 17 -5.10 -19.82 8.49
N ARG C 18 -6.39 -19.51 8.51
CA ARG C 18 -7.43 -20.40 7.95
C ARG C 18 -7.72 -20.06 6.50
N LEU C 19 -7.13 -19.02 5.94
CA LEU C 19 -7.39 -18.69 4.54
C LEU C 19 -6.97 -19.81 3.61
N GLY C 20 -7.68 -19.93 2.50
CA GLY C 20 -7.28 -20.85 1.46
C GLY C 20 -6.09 -20.35 0.68
N ASP C 21 -6.23 -19.20 0.11
CA ASP C 21 -5.18 -18.62 -0.73
C ASP C 21 -5.22 -17.13 -0.53
N PRO C 22 -4.35 -16.59 0.32
CA PRO C 22 -4.34 -15.13 0.54
C PRO C 22 -4.13 -14.31 -0.70
N LEU C 23 -3.44 -14.84 -1.69
CA LEU C 23 -3.21 -14.08 -2.91
C LEU C 23 -4.44 -13.98 -3.81
N GLU C 24 -5.49 -14.77 -3.54
CA GLU C 24 -6.64 -14.80 -4.44
C GLU C 24 -7.39 -13.48 -4.42
N ALA C 25 -7.25 -12.70 -3.35
CA ALA C 25 -7.84 -11.38 -3.28
C ALA C 25 -7.21 -10.37 -4.24
N PHE C 26 -6.06 -10.69 -4.86
CA PHE C 26 -5.24 -9.73 -5.59
C PHE C 26 -4.80 -10.32 -6.91
N PRO C 27 -5.72 -10.77 -7.76
CA PRO C 27 -5.29 -11.55 -8.92
C PRO C 27 -4.31 -10.87 -9.87
N VAL C 28 -4.28 -9.53 -9.96
CA VAL C 28 -3.31 -8.91 -10.85
C VAL C 28 -1.87 -9.17 -10.38
N PHE C 29 -1.68 -9.55 -9.13
CA PHE C 29 -0.37 -9.83 -8.60
C PHE C 29 0.05 -11.27 -8.78
N LYS C 30 -0.72 -12.07 -9.51
CA LYS C 30 -0.30 -13.42 -9.86
C LYS C 30 0.62 -13.49 -11.07
N LYS C 31 0.95 -12.36 -11.69
CA LYS C 31 1.90 -12.33 -12.78
C LYS C 31 2.83 -11.14 -12.62
N TYR C 32 4.11 -11.31 -12.97
CA TYR C 32 5.08 -10.22 -13.02
C TYR C 32 5.77 -10.36 -14.36
N ASP C 33 5.52 -9.41 -15.26
CA ASP C 33 6.01 -9.46 -16.64
C ASP C 33 6.59 -8.08 -16.93
N ARG C 34 7.84 -7.88 -16.57
CA ARG C 34 8.51 -6.58 -16.69
C ARG C 34 10.01 -6.82 -16.63
N ASN C 35 10.76 -5.97 -17.33
CA ASN C 35 12.22 -5.95 -17.22
C ASN C 35 12.86 -7.27 -17.59
N GLY C 36 12.30 -7.99 -18.55
CA GLY C 36 12.88 -9.21 -19.01
C GLY C 36 12.49 -10.43 -18.22
N LEU C 37 11.67 -10.27 -17.21
CA LEU C 37 11.17 -11.41 -16.46
C LEU C 37 9.71 -11.62 -16.82
N ASN C 38 9.26 -12.87 -16.81
CA ASN C 38 7.86 -13.20 -17.00
C ASN C 38 7.59 -14.41 -16.11
N VAL C 39 7.05 -14.17 -14.93
CA VAL C 39 6.84 -15.22 -13.95
C VAL C 39 5.41 -15.20 -13.49
N SER C 40 4.96 -16.34 -13.02
CA SER C 40 3.68 -16.46 -12.34
C SER C 40 3.98 -16.57 -10.85
N ILE C 41 3.07 -16.08 -10.02
CA ILE C 41 3.27 -16.07 -8.58
C ILE C 41 2.13 -16.81 -7.92
N GLU C 42 2.46 -17.74 -7.01
CA GLU C 42 1.46 -18.48 -6.25
C GLU C 42 1.73 -18.43 -4.76
N CYS C 43 0.69 -18.58 -3.97
CA CYS C 43 0.77 -18.58 -2.52
C CYS C 43 0.19 -19.90 -2.00
N LYS C 44 1.01 -20.66 -1.27
CA LYS C 44 0.61 -21.95 -0.73
C LYS C 44 1.15 -22.11 0.68
N ARG C 45 0.42 -22.86 1.52
CA ARG C 45 0.98 -23.35 2.77
C ARG C 45 2.08 -24.35 2.43
N VAL C 46 3.05 -24.49 3.32
CA VAL C 46 4.14 -25.45 3.07
C VAL C 46 3.63 -26.87 2.81
N SER C 47 2.51 -27.25 3.42
CA SER C 47 1.88 -28.56 3.19
C SER C 47 1.50 -28.78 1.73
N GLY C 48 1.26 -27.72 0.96
CA GLY C 48 0.90 -27.86 -0.44
C GLY C 48 2.04 -27.89 -1.42
N LEU C 49 3.29 -27.80 -0.94
CA LEU C 49 4.43 -27.83 -1.82
C LEU C 49 5.02 -29.24 -1.94
N GLU C 50 5.53 -29.57 -3.12
CA GLU C 50 6.27 -30.82 -3.29
C GLU C 50 7.62 -30.74 -2.58
N PRO C 51 8.15 -31.87 -2.10
CA PRO C 51 9.46 -31.83 -1.43
C PRO C 51 10.56 -31.23 -2.26
N ALA C 52 10.55 -31.42 -3.57
CA ALA C 52 11.60 -30.85 -4.41
C ALA C 52 11.56 -29.31 -4.39
N THR C 53 10.36 -28.72 -4.28
CA THR C 53 10.21 -27.27 -4.17
C THR C 53 10.70 -26.75 -2.82
N VAL C 54 10.37 -27.46 -1.72
CA VAL C 54 10.94 -27.13 -0.41
C VAL C 54 12.46 -27.22 -0.45
N ASP C 55 12.98 -28.27 -1.10
CA ASP C 55 14.41 -28.46 -1.18
C ASP C 55 15.07 -27.34 -1.97
N TRP C 56 14.46 -26.93 -3.08
CA TRP C 56 14.97 -25.81 -3.84
C TRP C 56 15.04 -24.57 -2.95
N ALA C 57 13.97 -24.29 -2.20
CA ALA C 57 13.91 -23.09 -1.37
C ALA C 57 14.97 -23.12 -0.27
N PHE C 58 15.16 -24.28 0.34
CA PHE C 58 16.20 -24.41 1.35
C PHE C 58 17.56 -24.23 0.72
N ASP C 59 17.81 -24.87 -0.42
CA ASP C 59 19.13 -24.80 -1.03
C ASP C 59 19.44 -23.37 -1.48
N LEU C 60 18.42 -22.65 -2.01
CA LEU C 60 18.63 -21.25 -2.41
C LEU C 60 18.95 -20.36 -1.20
N THR C 61 18.25 -20.59 -0.08
CA THR C 61 18.50 -19.86 1.16
C THR C 61 19.92 -20.15 1.63
N LYS C 62 20.32 -21.42 1.65
CA LYS C 62 21.66 -21.77 2.09
C LYS C 62 22.73 -21.15 1.16
N THR C 63 22.54 -21.23 -0.16
CA THR C 63 23.50 -20.61 -1.07
C THR C 63 23.62 -19.12 -0.80
N ASN C 64 22.47 -18.46 -0.63
CA ASN C 64 22.51 -17.02 -0.51
C ASN C 64 22.97 -16.56 0.86
N MET C 65 22.66 -17.31 1.93
CA MET C 65 22.77 -16.83 3.30
C MET C 65 23.78 -17.52 4.20
N GLN C 66 24.29 -18.70 3.84
CA GLN C 66 25.08 -19.48 4.81
C GLN C 66 26.23 -18.67 5.39
N THR C 67 27.03 -18.05 4.55
CA THR C 67 28.18 -17.30 5.04
C THR C 67 27.80 -16.16 5.97
N MET C 68 26.75 -15.40 5.59
CA MET C 68 26.27 -14.35 6.48
C MET C 68 25.78 -14.88 7.82
N TYR C 69 25.09 -16.05 7.84
CA TYR C 69 24.69 -16.66 9.11
C TYR C 69 25.88 -17.10 9.94
N GLU C 70 26.89 -17.66 9.29
CA GLU C 70 28.07 -18.09 10.04
C GLU C 70 28.75 -16.91 10.69
N GLN C 71 28.70 -15.75 10.06
CA GLN C 71 29.25 -14.50 10.55
C GLN C 71 28.24 -13.66 11.30
N SER C 72 27.39 -14.34 12.05
CA SER C 72 26.41 -13.72 12.93
C SER C 72 26.39 -14.52 14.22
N GLU C 73 25.63 -14.03 15.21
CA GLU C 73 25.40 -14.76 16.42
C GLU C 73 24.61 -16.05 16.22
N TRP C 74 23.95 -16.20 15.07
CA TRP C 74 23.08 -17.35 14.95
C TRP C 74 23.83 -18.61 14.56
N GLY C 75 24.89 -18.44 13.77
CA GLY C 75 25.45 -19.56 13.03
C GLY C 75 24.52 -20.11 11.96
N TRP C 76 25.04 -21.01 11.11
CA TRP C 76 24.24 -21.75 10.13
C TRP C 76 24.11 -23.21 10.58
N LYS C 77 22.89 -23.70 10.74
CA LYS C 77 22.67 -25.12 10.97
C LYS C 77 21.55 -25.62 10.06
N ASP C 78 21.87 -26.62 9.24
CA ASP C 78 20.92 -27.16 8.26
C ASP C 78 19.59 -27.56 8.92
N ARG C 79 19.61 -28.41 9.95
CA ARG C 79 18.39 -28.96 10.49
C ARG C 79 17.49 -27.88 11.10
N GLU C 80 18.08 -26.88 11.74
CA GLU C 80 17.30 -25.82 12.36
C GLU C 80 16.63 -24.97 11.30
N LYS C 81 17.33 -24.69 10.21
CA LYS C 81 16.68 -23.93 9.12
C LYS C 81 15.59 -24.76 8.48
N ARG C 82 15.82 -26.06 8.24
CA ARG C 82 14.73 -26.90 7.70
C ARG C 82 13.53 -26.95 8.62
N GLU C 83 13.75 -27.04 9.94
CA GLU C 83 12.67 -27.00 10.92
C GLU C 83 11.86 -25.72 10.77
N GLU C 84 12.55 -24.58 10.66
CA GLU C 84 11.85 -23.30 10.51
C GLU C 84 11.07 -23.26 9.20
N MET C 85 11.68 -23.75 8.12
CA MET C 85 11.04 -23.70 6.81
C MET C 85 9.89 -24.66 6.62
N THR C 86 9.78 -25.73 7.42
CA THR C 86 8.75 -26.75 7.27
C THR C 86 7.76 -26.74 8.40
N ASP C 87 7.80 -25.75 9.29
CA ASP C 87 6.78 -25.56 10.30
C ASP C 87 5.41 -25.48 9.63
N ASP C 88 4.41 -26.12 10.25
CA ASP C 88 3.09 -26.14 9.64
C ASP C 88 2.50 -24.74 9.44
N ARG C 89 2.98 -23.74 10.17
CA ARG C 89 2.53 -22.35 10.03
C ARG C 89 3.16 -21.62 8.86
N ALA C 90 4.11 -22.21 8.15
CA ALA C 90 4.79 -21.53 7.08
C ALA C 90 3.93 -21.37 5.84
N TRP C 91 3.88 -20.15 5.32
CA TRP C 91 3.30 -19.86 4.02
C TRP C 91 4.43 -19.49 3.06
N TYR C 92 4.23 -19.83 1.79
CA TYR C 92 5.19 -19.53 0.74
C TYR C 92 4.55 -18.73 -0.39
N LEU C 93 5.24 -17.70 -0.81
CA LEU C 93 4.98 -17.02 -2.07
C LEU C 93 6.10 -17.47 -3.00
N ILE C 94 5.78 -18.02 -4.18
CA ILE C 94 6.80 -18.55 -5.08
C ILE C 94 6.55 -18.02 -6.49
N ALA C 95 7.62 -17.56 -7.14
CA ALA C 95 7.58 -17.08 -8.51
C ALA C 95 8.15 -18.16 -9.39
N TRP C 96 7.40 -18.51 -10.43
CA TRP C 96 7.74 -19.60 -11.36
C TRP C 96 7.93 -19.07 -12.76
N GLU C 97 8.99 -19.56 -13.41
CA GLU C 97 9.19 -19.34 -14.85
C GLU C 97 8.60 -20.52 -15.61
N ASN C 98 7.79 -20.21 -16.60
CA ASN C 98 7.13 -21.21 -17.47
C ASN C 98 6.46 -22.33 -16.68
N SER C 99 5.83 -21.95 -15.58
CA SER C 99 5.10 -22.86 -14.72
C SER C 99 5.91 -24.07 -14.31
N SER C 100 7.24 -23.95 -14.27
CA SER C 100 8.06 -25.12 -14.02
C SER C 100 9.34 -24.88 -13.25
N VAL C 101 9.97 -23.72 -13.38
CA VAL C 101 11.25 -23.43 -12.74
C VAL C 101 11.00 -22.37 -11.69
N PRO C 102 11.19 -22.66 -10.42
CA PRO C 102 11.03 -21.66 -9.37
C PRO C 102 12.25 -20.76 -9.33
N VAL C 103 12.01 -19.44 -9.20
CA VAL C 103 13.14 -18.53 -9.26
C VAL C 103 13.23 -17.58 -8.08
N ALA C 104 12.18 -17.51 -7.25
CA ALA C 104 12.15 -16.59 -6.12
C ALA C 104 11.09 -17.06 -5.16
N PHE C 105 11.33 -16.82 -3.87
CA PHE C 105 10.27 -17.11 -2.92
C PHE C 105 10.37 -16.21 -1.69
N SER C 106 9.26 -16.15 -0.98
CA SER C 106 9.22 -15.68 0.41
C SER C 106 8.53 -16.72 1.26
N HIS C 107 9.13 -16.97 2.44
CA HIS C 107 8.52 -17.71 3.55
C HIS C 107 7.96 -16.65 4.50
N PHE C 108 6.65 -16.68 4.73
CA PHE C 108 6.04 -15.72 5.63
C PHE C 108 5.04 -16.40 6.54
N ARG C 109 4.69 -15.70 7.60
CA ARG C 109 3.71 -16.20 8.57
C ARG C 109 2.82 -15.07 9.05
N PHE C 110 1.63 -15.44 9.48
CA PHE C 110 0.74 -14.55 10.24
C PHE C 110 0.94 -14.94 11.69
N ASP C 111 1.38 -14.00 12.53
CA ASP C 111 1.75 -14.35 13.90
C ASP C 111 1.64 -13.11 14.78
N VAL C 112 1.81 -13.32 16.08
CA VAL C 112 1.90 -12.23 17.04
C VAL C 112 3.37 -11.96 17.35
N GLU C 113 3.76 -10.71 17.28
CA GLU C 113 5.08 -10.27 17.68
C GLU C 113 4.96 -9.04 18.56
N CYS C 114 5.49 -9.17 19.79
CA CYS C 114 5.46 -8.08 20.78
C CYS C 114 4.05 -7.53 20.96
N GLY C 115 3.09 -8.44 21.00
CA GLY C 115 1.73 -8.12 21.31
C GLY C 115 0.89 -7.65 20.14
N ASP C 116 1.45 -7.59 18.93
CA ASP C 116 0.72 -7.12 17.76
C ASP C 116 0.58 -8.26 16.75
N GLU C 117 -0.54 -8.25 16.04
CA GLU C 117 -0.71 -9.09 14.86
C GLU C 117 0.18 -8.58 13.72
N VAL C 118 1.02 -9.48 13.20
CA VAL C 118 1.99 -9.11 12.15
C VAL C 118 2.03 -10.14 11.04
N LEU C 119 2.47 -9.70 9.86
CA LEU C 119 2.90 -10.61 8.82
C LEU C 119 4.41 -10.57 8.90
N TYR C 120 4.98 -11.71 9.28
CA TYR C 120 6.43 -11.82 9.47
C TYR C 120 7.02 -12.45 8.23
N CYS C 121 7.91 -11.73 7.53
CA CYS C 121 8.63 -12.24 6.38
C CYS C 121 9.90 -12.90 6.91
N TYR C 122 9.90 -14.23 6.95
CA TYR C 122 11.06 -15.00 7.39
C TYR C 122 12.15 -15.14 6.31
N GLU C 123 11.79 -15.04 5.03
CA GLU C 123 12.76 -15.09 3.97
C GLU C 123 12.21 -14.37 2.76
N VAL C 124 13.06 -13.60 2.11
CA VAL C 124 12.84 -13.30 0.68
C VAL C 124 14.14 -13.61 -0.05
N GLN C 125 14.07 -14.53 -1.02
CA GLN C 125 15.24 -15.07 -1.68
C GLN C 125 14.99 -15.17 -3.18
N LEU C 126 15.88 -14.58 -3.95
CA LEU C 126 15.86 -14.64 -5.40
C LEU C 126 17.11 -15.33 -5.95
N GLU C 127 16.91 -16.11 -7.00
CA GLU C 127 18.06 -16.52 -7.81
C GLU C 127 18.77 -15.29 -8.35
N SER C 128 20.12 -15.38 -8.44
CA SER C 128 20.90 -14.21 -8.91
C SER C 128 20.40 -13.65 -10.25
N LYS C 129 20.02 -14.52 -11.18
CA LYS C 129 19.65 -14.10 -12.53
C LYS C 129 18.38 -13.26 -12.58
N VAL C 130 17.55 -13.26 -11.53
CA VAL C 130 16.31 -12.51 -11.56
C VAL C 130 16.36 -11.28 -10.68
N ARG C 131 17.52 -10.97 -10.11
CA ARG C 131 17.69 -9.80 -9.24
C ARG C 131 17.77 -8.49 -10.02
N ARG C 132 17.48 -7.39 -9.31
CA ARG C 132 17.59 -6.03 -9.83
C ARG C 132 16.70 -5.82 -11.04
N LYS C 133 15.51 -6.42 -11.01
CA LYS C 133 14.48 -6.28 -12.03
C LYS C 133 13.12 -5.96 -11.43
N GLY C 134 13.07 -5.65 -10.14
CA GLY C 134 11.83 -5.26 -9.48
C GLY C 134 11.04 -6.39 -8.85
N LEU C 135 11.46 -7.64 -9.02
CA LEU C 135 10.67 -8.75 -8.51
C LEU C 135 10.68 -8.79 -6.98
N GLY C 136 11.81 -8.54 -6.33
CA GLY C 136 11.80 -8.46 -4.87
C GLY C 136 10.86 -7.42 -4.35
N LYS C 137 10.88 -6.21 -4.90
CA LYS C 137 9.96 -5.16 -4.46
C LYS C 137 8.53 -5.64 -4.66
N PHE C 138 8.24 -6.31 -5.77
CA PHE C 138 6.88 -6.79 -6.02
C PHE C 138 6.43 -7.82 -5.00
N LEU C 139 7.28 -8.76 -4.61
CA LEU C 139 6.93 -9.75 -3.59
C LEU C 139 6.62 -9.07 -2.26
N ILE C 140 7.41 -8.07 -1.89
CA ILE C 140 7.17 -7.39 -0.63
C ILE C 140 5.90 -6.56 -0.74
N GLN C 141 5.61 -6.00 -1.91
CA GLN C 141 4.34 -5.31 -2.12
C GLN C 141 3.17 -6.25 -1.90
N ILE C 142 3.25 -7.48 -2.39
CA ILE C 142 2.21 -8.50 -2.16
C ILE C 142 2.05 -8.74 -0.67
N LEU C 143 3.15 -8.86 0.07
CA LEU C 143 3.02 -9.09 1.52
C LEU C 143 2.33 -7.92 2.21
N GLN C 144 2.65 -6.69 1.78
CA GLN C 144 2.00 -5.53 2.38
C GLN C 144 0.50 -5.52 2.07
N LEU C 145 0.10 -5.89 0.84
CA LEU C 145 -1.33 -5.96 0.55
C LEU C 145 -2.02 -7.05 1.38
N MET C 146 -1.38 -8.21 1.54
CA MET C 146 -1.93 -9.26 2.40
C MET C 146 -2.06 -8.78 3.85
N ALA C 147 -1.07 -8.03 4.34
CA ALA C 147 -1.16 -7.50 5.69
C ALA C 147 -2.36 -6.58 5.83
N ASN C 148 -2.61 -5.73 4.84
CA ASN C 148 -3.78 -4.87 4.89
C ASN C 148 -5.06 -5.66 4.85
N SER C 149 -5.15 -6.66 3.96
CA SER C 149 -6.37 -7.43 3.80
C SER C 149 -6.71 -8.24 5.04
N THR C 150 -5.70 -8.83 5.69
CA THR C 150 -5.90 -9.68 6.86
C THR C 150 -5.87 -8.91 8.19
N GLN C 151 -5.67 -7.62 8.16
CA GLN C 151 -5.67 -6.75 9.33
C GLN C 151 -4.47 -6.98 10.23
N MET C 152 -3.32 -7.31 9.66
CA MET C 152 -2.09 -7.25 10.43
C MET C 152 -1.66 -5.80 10.58
N LYS C 153 -0.84 -5.51 11.61
CA LYS C 153 -0.43 -4.15 11.90
C LYS C 153 0.81 -3.72 11.15
N LYS C 154 1.59 -4.68 10.66
CA LYS C 154 2.84 -4.40 9.96
C LYS C 154 3.31 -5.65 9.26
N VAL C 155 4.22 -5.43 8.33
CA VAL C 155 5.11 -6.47 7.82
C VAL C 155 6.44 -6.27 8.52
N MET C 156 7.03 -7.36 9.04
CA MET C 156 8.28 -7.31 9.78
C MET C 156 9.27 -8.30 9.16
N LEU C 157 10.56 -8.08 9.39
CA LEU C 157 11.61 -8.99 8.93
C LEU C 157 12.89 -8.65 9.68
N THR C 158 13.87 -9.54 9.57
CA THR C 158 15.21 -9.38 10.13
C THR C 158 16.21 -9.30 8.97
N VAL C 159 17.13 -8.34 9.06
CA VAL C 159 18.17 -8.17 8.05
C VAL C 159 19.53 -7.98 8.71
N PHE C 160 20.53 -8.66 8.19
CA PHE C 160 21.88 -8.55 8.74
C PHE C 160 22.45 -7.21 8.38
N LYS C 161 23.14 -6.57 9.33
CA LYS C 161 23.84 -5.34 8.99
C LYS C 161 24.93 -5.57 7.94
N HIS C 162 25.50 -6.76 7.88
CA HIS C 162 26.49 -7.09 6.86
C HIS C 162 25.87 -7.57 5.56
N ASN C 163 24.54 -7.55 5.42
CA ASN C 163 23.88 -7.82 4.13
C ASN C 163 23.52 -6.50 3.47
N HIS C 164 24.52 -5.85 2.87
CA HIS C 164 24.33 -4.43 2.55
C HIS C 164 23.30 -4.22 1.45
N GLY C 165 23.26 -5.11 0.46
CA GLY C 165 22.28 -4.96 -0.60
C GLY C 165 20.85 -5.06 -0.07
N ALA C 166 20.59 -6.06 0.79
CA ALA C 166 19.24 -6.21 1.32
C ALA C 166 18.90 -5.08 2.25
N TYR C 167 19.87 -4.57 2.99
CA TYR C 167 19.57 -3.47 3.89
C TYR C 167 19.20 -2.21 3.11
N GLN C 168 19.92 -1.91 2.03
CA GLN C 168 19.52 -0.80 1.20
C GLN C 168 18.15 -1.03 0.54
N PHE C 169 17.89 -2.25 0.05
CA PHE C 169 16.56 -2.61 -0.48
C PHE C 169 15.45 -2.23 0.50
N PHE C 170 15.50 -2.79 1.70
CA PHE C 170 14.41 -2.59 2.66
C PHE C 170 14.36 -1.16 3.22
N ARG C 171 15.52 -0.62 3.63
CA ARG C 171 15.53 0.66 4.35
C ARG C 171 15.41 1.85 3.41
N GLU C 172 16.13 1.84 2.29
CA GLU C 172 16.12 3.00 1.39
C GLU C 172 15.05 2.85 0.32
N ALA C 173 15.06 1.76 -0.43
CA ALA C 173 14.10 1.65 -1.52
C ALA C 173 12.67 1.46 -1.03
N LEU C 174 12.43 0.58 -0.06
CA LEU C 174 11.09 0.29 0.42
C LEU C 174 10.69 1.12 1.64
N GLN C 175 11.63 1.85 2.23
CA GLN C 175 11.33 2.78 3.33
C GLN C 175 10.79 2.07 4.56
N PHE C 176 11.32 0.89 4.84
CA PHE C 176 11.00 0.25 6.09
C PHE C 176 11.63 1.03 7.23
N GLU C 177 10.94 1.03 8.36
CA GLU C 177 11.42 1.62 9.61
C GLU C 177 12.25 0.62 10.38
N ILE C 178 13.10 1.11 11.28
CA ILE C 178 13.64 0.27 12.33
C ILE C 178 12.55 0.03 13.36
N ASP C 179 12.21 -1.22 13.59
CA ASP C 179 11.14 -1.56 14.51
C ASP C 179 11.60 -1.30 15.94
N ASP C 180 10.65 -0.95 16.82
CA ASP C 180 10.99 -0.74 18.23
C ASP C 180 11.60 -1.97 18.88
N SER C 181 11.38 -3.19 18.37
CA SER C 181 11.94 -4.40 18.94
C SER C 181 13.37 -4.67 18.47
N SER C 182 13.90 -3.86 17.57
CA SER C 182 15.26 -4.09 17.08
C SER C 182 16.26 -3.86 18.21
N PRO C 183 17.34 -4.62 18.25
CA PRO C 183 18.34 -4.41 19.33
C PRO C 183 18.86 -2.99 19.37
N SER C 184 18.99 -2.32 18.24
CA SER C 184 19.48 -0.94 18.20
C SER C 184 18.56 0.05 18.90
N MET C 185 17.30 -0.32 19.18
CA MET C 185 16.35 0.62 19.78
C MET C 185 16.31 0.51 21.26
N SER C 186 17.21 -0.29 21.83
CA SER C 186 17.36 -0.40 23.27
C SER C 186 18.80 -0.06 23.64
N GLY C 187 18.98 0.65 24.74
CA GLY C 187 20.30 1.00 25.23
C GLY C 187 20.80 2.27 24.59
N CYS C 188 20.96 3.32 25.37
CA CYS C 188 21.35 4.58 24.76
C CYS C 188 22.82 4.63 24.40
N CYS C 189 23.62 3.65 24.85
CA CYS C 189 25.05 3.64 24.53
C CYS C 189 25.41 2.79 23.31
N GLY C 190 24.47 2.04 22.75
CA GLY C 190 24.71 1.35 21.50
C GLY C 190 24.90 -0.15 21.68
N GLU C 191 24.75 -0.85 20.56
CA GLU C 191 24.63 -2.29 20.53
C GLU C 191 25.48 -2.84 19.40
N ASP C 192 26.06 -4.04 19.59
CA ASP C 192 26.86 -4.66 18.56
C ASP C 192 26.22 -5.92 17.96
N CYS C 193 24.91 -6.07 18.09
CA CYS C 193 24.20 -7.14 17.41
C CYS C 193 24.42 -7.01 15.91
N SER C 194 24.44 -8.15 15.23
CA SER C 194 24.73 -8.08 13.80
C SER C 194 23.50 -7.90 12.91
N TYR C 195 22.31 -7.76 13.47
CA TYR C 195 21.10 -7.62 12.65
C TYR C 195 20.23 -6.47 13.17
N GLU C 196 19.32 -6.03 12.31
CA GLU C 196 18.27 -5.09 12.65
C GLU C 196 16.93 -5.76 12.37
N ILE C 197 15.92 -5.38 13.13
CA ILE C 197 14.55 -5.80 12.86
C ILE C 197 13.84 -4.60 12.26
N LEU C 198 13.27 -4.80 11.05
CA LEU C 198 12.66 -3.72 10.30
C LEU C 198 11.17 -3.98 10.13
N SER C 199 10.37 -2.93 9.98
CA SER C 199 8.95 -3.12 9.79
C SER C 199 8.34 -1.96 9.01
N ARG C 200 7.18 -2.24 8.42
CA ARG C 200 6.42 -1.26 7.68
C ARG C 200 4.97 -1.41 8.12
N ARG C 201 4.39 -0.35 8.66
CA ARG C 201 3.04 -0.37 9.21
C ARG C 201 1.99 -0.39 8.12
N THR C 202 0.88 -1.07 8.39
CA THR C 202 -0.35 -0.80 7.69
C THR C 202 -0.92 0.52 8.26
N LYS C 203 -1.86 1.13 7.53
CA LYS C 203 -2.27 2.48 7.85
C LYS C 203 -3.74 2.57 8.22
N PHE C 204 -4.34 1.48 8.68
CA PHE C 204 -5.70 1.54 9.20
C PHE C 204 -5.70 1.79 10.71
N SER D 1 15.98 -12.46 6.27
CA SER D 1 16.13 -13.85 6.58
C SER D 1 16.14 -14.09 8.09
N GLY D 2 15.32 -15.02 8.52
CA GLY D 2 15.31 -15.40 9.90
C GLY D 2 14.42 -14.50 10.74
N ARG D 3 14.38 -14.80 12.04
CA ARG D 3 13.54 -14.04 12.95
C ARG D 3 14.37 -13.75 14.19
N GLY D 4 14.86 -12.54 14.28
CA GLY D 4 15.64 -12.15 15.46
C GLY D 4 14.78 -11.70 16.61
N LYS D 5 15.45 -11.35 17.71
CA LYS D 5 14.73 -10.81 18.87
C LYS D 5 15.01 -9.33 19.07
C1 GOL E . 3.12 1.52 1.26
O1 GOL E . 3.42 0.48 0.38
C2 GOL E . 2.20 2.52 0.48
O2 GOL E . 2.83 3.13 -0.55
C3 GOL E . 1.78 3.56 1.53
O3 GOL E . 0.47 3.28 1.96
H11 GOL E . 3.90 1.99 1.58
H12 GOL E . 2.65 1.21 2.06
H2 GOL E . 1.45 2.04 0.11
H31 GOL E . 1.87 4.44 1.13
H32 GOL E . 2.42 3.54 2.25
HO3 GOL E . 0.24 3.92 2.47
C1 GOL F . -13.90 25.51 2.88
O1 GOL F . -13.06 24.56 2.04
C2 GOL F . -14.72 24.61 3.80
O2 GOL F . -13.97 23.93 4.68
C3 GOL F . -15.67 25.62 4.48
O3 GOL F . -15.89 25.20 5.69
H11 GOL F . -14.48 26.06 2.36
H12 GOL F . -13.36 26.11 3.42
HO1 GOL F . -13.31 24.67 1.24
H2 GOL F . -15.20 23.92 3.30
H31 GOL F . -16.48 25.69 3.94
H32 GOL F . -15.27 26.49 4.43
S SO4 G . -4.03 24.43 14.17
O1 SO4 G . -4.89 24.62 13.00
O2 SO4 G . -3.22 25.63 14.37
O3 SO4 G . -3.15 23.28 13.99
O4 SO4 G . -4.88 24.19 15.33
S SO4 H . -24.60 30.67 -6.98
O1 SO4 H . -25.61 29.69 -7.28
O2 SO4 H . -25.11 31.98 -7.29
O3 SO4 H . -23.43 30.40 -7.80
O4 SO4 H . -24.26 30.58 -5.56
S SO4 I . 6.12 24.31 0.58
O1 SO4 I . 6.06 25.77 0.38
O2 SO4 I . 5.19 23.64 -0.33
O3 SO4 I . 7.46 23.83 0.28
O4 SO4 I . 5.76 24.02 1.97
C1 BTB J . -21.51 33.10 -2.15
O1 BTB J . -21.64 32.78 -0.80
C2 BTB J . -22.70 33.93 -2.64
C3 BTB J . -23.96 33.07 -2.74
O3 BTB J . -24.80 33.55 -3.77
C4 BTB J . -22.99 35.04 -1.62
O4 BTB J . -24.06 35.84 -2.05
N BTB J . -22.35 34.47 -3.97
C5 BTB J . -21.87 33.40 -4.84
C6 BTB J . -22.43 33.50 -6.26
O6 BTB J . -23.79 33.81 -6.20
C7 BTB J . -21.34 35.52 -3.90
C8 BTB J . -22.03 36.87 -3.97
O8 BTB J . -22.82 36.91 -5.11
H11 BTB J . -21.47 32.28 -2.68
H12 BTB J . -20.69 33.60 -2.28
HO1 BTB J . -20.97 33.07 -0.38
H31 BTB J . -24.44 33.09 -1.90
H32 BTB J . -23.71 32.16 -2.94
HO3 BTB J . -25.62 33.43 -3.56
H41 BTB J . -22.21 35.60 -1.51
H42 BTB J . -23.22 34.64 -0.76
HO4 BTB J . -24.66 35.86 -1.45
H51 BTB J . -22.15 32.54 -4.46
H52 BTB J . -20.90 33.43 -4.88
H61 BTB J . -22.31 32.66 -6.71
H62 BTB J . -21.96 34.20 -6.73
HO6 BTB J . -23.91 34.60 -6.48
H71 BTB J . -20.73 35.43 -4.65
H72 BTB J . -20.85 35.44 -3.07
H81 BTB J . -21.37 37.58 -4.01
H82 BTB J . -22.60 36.99 -3.19
HO8 BTB J . -23.54 37.33 -4.94
N1A CMC K . -5.10 23.40 9.54
C2A CMC K . -3.89 22.89 9.90
N3A CMC K . -3.59 21.58 9.88
C4A CMC K . -4.57 20.72 9.48
C5A CMC K . -5.74 21.22 9.14
C6A CMC K . -6.03 22.53 9.14
N6A CMC K . -7.19 23.33 8.85
N7A CMC K . -6.56 20.23 8.78
C8A CMC K . -5.91 19.11 8.88
N9A CMC K . -4.68 19.38 9.34
C1B CMC K . -3.49 18.66 9.64
C2B CMC K . -3.22 18.41 11.20
O2B CMC K . -1.80 18.14 11.30
C3B CMC K . -3.98 17.38 11.46
O3B CMC K . -3.65 16.66 12.70
P3B CMC K . -4.21 17.30 14.11
O7A CMC K . -3.88 16.21 15.09
O8A CMC K . -5.68 17.47 14.05
O9A CMC K . -3.58 18.64 14.39
C4B CMC K . -3.77 16.38 10.29
O4B CMC K . -3.63 17.40 9.17
C5B CMC K . -4.81 15.41 10.08
O5B CMC K . -6.02 16.08 9.89
P1A CMC K . -7.40 15.26 9.68
O1A CMC K . -7.22 13.92 9.11
O2A CMC K . -8.21 15.32 10.97
O3A CMC K . -8.05 16.28 8.68
P2A CMC K . -9.59 16.39 8.23
O4A CMC K . -10.27 15.11 8.51
O5A CMC K . -10.19 17.61 8.85
O6A CMC K . -9.54 16.61 6.60
CBP CMC K . -9.54 18.24 4.90
CCP CMC K . -8.67 17.60 6.02
CDP CMC K . -10.04 17.19 3.89
CEP CMC K . -8.69 19.32 4.19
CAP CMC K . -10.76 18.87 5.55
OAP CMC K . -10.43 20.08 6.25
C9P CMC K . -11.79 19.39 4.56
O9P CMC K . -12.70 18.75 4.11
N8P CMC K . -11.70 20.77 4.19
C7P CMC K . -12.65 21.37 3.28
C6P CMC K . -12.59 20.80 1.88
C5P CMC K . -11.33 21.15 1.13
O5P CMC K . -10.75 22.18 1.23
N4P CMC K . -10.97 20.17 0.16
C3P CMC K . -9.85 20.40 -0.77
C2P CMC K . -8.70 19.54 -0.36
S1P CMC K . -7.41 19.90 -1.62
C1 CMC K . -7.64 18.53 -2.79
C2 CMC K . -8.94 18.69 -3.54
O21 CMC K . -10.03 18.24 -3.20
H2A CMC K . -3.23 23.49 10.17
H61A CMC K . -7.12 24.18 8.78
H62A CMC K . -7.96 22.95 8.75
H8A CMC K . -6.24 18.27 8.68
H1B CMC K . -2.75 19.17 9.27
H2B CMC K . -3.48 19.13 11.81
HO2A CMC K . -1.37 18.87 11.30
H3B CMC K . -4.89 17.72 11.50
H4B CMC K . -2.98 15.81 10.42
H51A CMC K . -4.60 14.87 9.30
H52A CMC K . -4.88 14.83 10.86
H121 CMC K . -7.88 17.18 5.65
H122 CMC K . -8.41 18.26 6.68
H131 CMC K . -10.70 16.62 4.32
H132 CMC K . -10.44 17.64 3.12
H133 CMC K . -9.29 16.64 3.60
H141 CMC K . -9.12 20.18 4.28
H142 CMC K . -8.59 19.10 3.25
H143 CMC K . -7.81 19.36 4.60
H10 CMC K . -11.10 18.15 6.09
HO1 CMC K . -10.15 19.88 7.02
HN8 CMC K . -11.08 21.26 4.51
H71 CMC K . -13.54 21.22 3.63
H72 CMC K . -12.46 22.31 3.23
H61 CMC K . -12.65 19.84 1.93
H62 CMC K . -13.34 21.15 1.38
HN4 CMC K . -11.41 19.44 0.11
H31 CMC K . -10.12 20.17 -1.67
H32 CMC K . -9.60 21.33 -0.74
H21 CMC K . -8.38 19.78 0.52
H22 CMC K . -8.93 18.60 -0.38
H11 CMC K . -7.66 17.69 -2.31
H12 CMC K . -6.90 18.52 -3.43
N NH2 L . 0.06 20.88 -14.57
HN1 NH2 L . -0.22 19.92 -14.48
HN2 NH2 L . 1.04 21.11 -14.46
C1 GOL M . 3.88 -6.39 -14.52
O1 GOL M . 3.49 -7.72 -14.78
C2 GOL M . 3.26 -6.10 -13.13
O2 GOL M . 3.40 -4.77 -12.82
C3 GOL M . 1.83 -6.53 -13.34
O3 GOL M . 1.55 -7.50 -12.43
H11 GOL M . 3.53 -5.76 -15.18
H12 GOL M . 4.84 -6.27 -14.49
HO1 GOL M . 3.20 -7.73 -15.57
H2 GOL M . 3.67 -6.59 -12.41
HO2 GOL M . 3.06 -4.65 -12.06
H31 GOL M . 1.72 -6.83 -14.26
H32 GOL M . 1.25 -5.75 -13.25
S SO4 N . 25.58 -5.71 -2.89
O1 SO4 N . 26.34 -4.54 -2.48
O2 SO4 N . 24.63 -5.31 -3.92
O3 SO4 N . 24.88 -6.27 -1.74
O4 SO4 N . 26.47 -6.74 -3.43
C1 GOL O . 17.67 -17.85 14.67
O1 GOL O . 17.20 -16.58 14.46
C2 GOL O . 17.26 -18.80 13.62
O2 GOL O . 16.27 -19.59 14.12
C3 GOL O . 16.81 -17.93 12.34
O3 GOL O . 15.47 -17.43 12.65
H11 GOL O . 18.65 -17.87 14.70
H12 GOL O . 17.38 -18.21 15.53
HO2 GOL O . 16.01 -20.11 13.48
H31 GOL O . 16.84 -18.48 11.55
H32 GOL O . 17.45 -17.22 12.19
HO3 GOL O . 14.92 -17.99 12.32
N1A CMC P . 22.29 -3.04 -3.73
C2A CMC P . 21.79 -1.79 -3.63
N3A CMC P . 20.48 -1.52 -3.79
C4A CMC P . 19.63 -2.52 -4.04
C5A CMC P . 20.12 -3.75 -4.14
C6A CMC P . 21.45 -4.03 -3.97
N6A CMC P . 22.28 -5.19 -3.96
N7A CMC P . 19.13 -4.63 -4.37
C8A CMC P . 18.03 -3.93 -4.43
N9A CMC P . 18.31 -2.64 -4.22
C1B CMC P . 17.53 -1.44 -4.18
C2B CMC P . 17.63 -0.55 -5.51
O2B CMC P . 17.22 0.80 -5.18
C3B CMC P . 16.75 -1.11 -6.33
O3B CMC P . 16.23 -0.27 -7.42
P3B CMC P . 17.13 -0.20 -8.81
O7A CMC P . 16.25 0.55 -9.76
O8A CMC P . 17.43 -1.61 -9.28
O9A CMC P . 18.46 0.42 -8.46
C4B CMC P . 15.50 -1.41 -5.48
O4B CMC P . 16.20 -1.79 -4.15
C5B CMC P . 14.59 -2.42 -5.95
O5B CMC P . 15.27 -3.63 -6.06
P1A CMC P . 14.57 -4.95 -6.66
O1A CMC P . 13.12 -5.06 -6.35
O2A CMC P . 14.97 -5.10 -8.13
O3A CMC P . 15.40 -5.96 -5.77
P2A CMC P . 15.57 -7.53 -6.03
O4A CMC P . 14.50 -8.01 -6.88
O5A CMC P . 16.99 -7.78 -6.49
O6A CMC P . 15.41 -8.13 -4.56
CBP CMC P . 16.70 -8.91 -2.69
CCP CMC P . 16.19 -7.67 -3.44
CDP CMC P . 15.49 -9.72 -2.19
CEP CMC P . 17.48 -8.45 -1.44
CAP CMC P . 17.57 -9.76 -3.62
OAP CMC P . 18.81 -9.09 -3.80
C9P CMC P . 17.96 -11.10 -3.08
O9P CMC P . 17.32 -12.11 -3.19
N8P CMC P . 19.21 -11.15 -2.41
C7P CMC P . 19.74 -12.38 -1.92
C6P CMC P . 19.00 -12.92 -0.71
C5P CMC P . 19.01 -12.08 0.55
O5P CMC P . 19.95 -11.49 0.97
N4P CMC P . 17.76 -12.11 1.27
C3P CMC P . 17.71 -11.49 2.64
C2P CMC P . 16.74 -10.34 2.60
S1P CMC P . 16.79 -9.75 4.34
C1 CMC P . 15.21 -10.48 4.95
C2 CMC P . 15.34 -11.96 5.11
O21 CMC P . 15.06 -12.82 4.22
H2A CMC P . 22.37 -1.09 -3.43
H61A CMC P . 22.90 -5.27 -3.37
H62A CMC P . 22.16 -5.81 -4.55
H8A CMC P . 17.18 -4.28 -4.58
H1B CMC P . 17.84 -0.91 -3.43
H2B CMC P . 18.51 -0.55 -5.90
HO2A CMC P . 17.89 1.24 -4.89
H3B CMC P . 17.25 -1.87 -6.70
H4B CMC P . 14.91 -0.64 -5.44
H51A CMC P . 13.85 -2.52 -5.31
H52A CMC P . 14.23 -2.17 -6.81
H121 CMC P . 15.65 -7.12 -2.86
H122 CMC P . 16.96 -7.14 -3.76
H131 CMC P . 14.99 -10.06 -2.95
H132 CMC P . 15.80 -10.46 -1.64
H133 CMC P . 14.92 -9.16 -1.66
H141 CMC P . 18.40 -8.77 -1.50
H142 CMC P . 17.06 -8.81 -0.64
H143 CMC P . 17.48 -7.48 -1.40
H10 CMC P . 17.03 -9.89 -4.41
HO1 CMC P . 18.77 -8.59 -4.49
HN8 CMC P . 19.66 -10.42 -2.30
H71 CMC P . 19.70 -13.05 -2.62
H72 CMC P . 20.67 -12.24 -1.67
H61 CMC P . 18.07 -13.03 -0.97
H62 CMC P . 19.39 -13.78 -0.48
HN4 CMC P . 17.06 -12.48 0.92
H31 CMC P . 17.42 -12.15 3.28
H32 CMC P . 18.59 -11.17 2.88
H21 CMC P . 17.04 -9.65 1.99
H22 CMC P . 15.85 -10.64 2.35
H11 CMC P . 14.50 -10.29 4.30
H12 CMC P . 14.98 -10.08 5.79
N NH2 Q . 14.00 -8.31 18.88
HN1 NH2 Q . 13.18 -8.39 19.48
HN2 NH2 Q . 14.23 -7.41 18.47
#